data_3QEC
#
_entry.id   3QEC
#
_cell.length_a   132.787
_cell.length_b   132.787
_cell.length_c   132.787
_cell.angle_alpha   90.000
_cell.angle_beta   90.000
_cell.angle_gamma   90.000
#
_symmetry.space_group_name_H-M   'P 43 3 2'
#
loop_
_entity.id
_entity.type
_entity.pdbx_description
1 polymer 'Putative carbohydrate binding protein'
2 non-polymer 'SULFATE ION'
3 non-polymer GLYCEROL
4 non-polymer DI(HYDROXYETHYL)ETHER
5 non-polymer 'TRIETHYLENE GLYCOL'
6 water water
#
_entity_poly.entity_id   1
_entity_poly.type   'polypeptide(L)'
_entity_poly.pdbx_seq_one_letter_code
;GSNPNDLPDFPEHEYAATQQVGEGVINGDLYLTSASGAIQKGTNTKVALEPATSY(MSE)KAYYAKFGNLDAAKRDPDVQ
PPVLDPRRATYVREATTDQNGRFDFDHIPNGTYYISSELTWSAQSDGKTITEGGTVTKLVTVSGSQPQKVLLTR
;
_entity_poly.pdbx_strand_id   A
#
loop_
_chem_comp.id
_chem_comp.type
_chem_comp.name
_chem_comp.formula
GOL non-polymer GLYCEROL 'C3 H8 O3'
PEG non-polymer DI(HYDROXYETHYL)ETHER 'C4 H10 O3'
PGE non-polymer 'TRIETHYLENE GLYCOL' 'C6 H14 O4'
SO4 non-polymer 'SULFATE ION' 'O4 S -2'
#
# COMPACT_ATOMS: atom_id res chain seq x y z
N ASP A 6 -1.19 1.95 20.74
CA ASP A 6 -0.34 2.18 19.58
C ASP A 6 0.11 0.84 18.90
N LEU A 7 1.40 0.71 18.50
CA LEU A 7 1.92 -0.46 17.79
C LEU A 7 2.59 -1.48 18.68
N PRO A 8 2.53 -2.79 18.32
CA PRO A 8 3.24 -3.79 19.14
C PRO A 8 4.76 -3.67 18.98
N ASP A 9 5.55 -4.37 19.82
CA ASP A 9 7.00 -4.38 19.68
C ASP A 9 7.37 -4.98 18.33
N PHE A 10 8.43 -4.45 17.69
CA PHE A 10 8.91 -4.96 16.40
C PHE A 10 9.21 -6.48 16.50
N PRO A 11 8.50 -7.33 15.72
CA PRO A 11 8.69 -8.80 15.85
C PRO A 11 9.81 -9.34 14.95
N GLU A 12 11.02 -9.39 15.49
CA GLU A 12 12.24 -9.83 14.81
C GLU A 12 12.07 -11.20 14.13
N HIS A 13 11.51 -12.21 14.88
CA HIS A 13 11.29 -13.57 14.40
CA HIS A 13 11.31 -13.58 14.33
C HIS A 13 10.43 -13.58 13.10
N GLU A 14 9.37 -12.75 13.06
CA GLU A 14 8.47 -12.69 11.91
C GLU A 14 9.20 -12.24 10.66
N TYR A 15 10.13 -11.26 10.78
CA TYR A 15 10.91 -10.76 9.66
C TYR A 15 12.02 -11.77 9.27
N ALA A 16 12.65 -12.44 10.26
CA ALA A 16 13.71 -13.43 10.06
C ALA A 16 13.21 -14.65 9.26
N ALA A 17 11.96 -15.09 9.51
CA ALA A 17 11.35 -16.24 8.83
C ALA A 17 10.99 -15.94 7.36
N THR A 18 10.99 -14.67 6.92
CA THR A 18 10.62 -14.40 5.53
C THR A 18 11.76 -14.71 4.54
N GLN A 19 11.39 -15.23 3.35
CA GLN A 19 12.33 -15.43 2.22
C GLN A 19 12.60 -14.03 1.64
N GLN A 20 13.89 -13.64 1.43
CA GLN A 20 14.29 -12.29 1.01
CA GLN A 20 14.09 -12.28 0.91
C GLN A 20 14.78 -12.25 -0.46
N VAL A 21 14.73 -13.39 -1.20
CA VAL A 21 15.18 -13.54 -2.60
C VAL A 21 14.07 -14.28 -3.38
N GLY A 22 13.92 -14.01 -4.66
CA GLY A 22 12.83 -14.64 -5.43
C GLY A 22 12.78 -14.29 -6.90
N GLU A 23 11.77 -14.85 -7.61
CA GLU A 23 11.55 -14.73 -9.06
C GLU A 23 10.13 -14.26 -9.44
N GLY A 24 9.26 -14.05 -8.44
CA GLY A 24 7.88 -13.65 -8.65
C GLY A 24 7.69 -12.29 -9.31
N VAL A 25 6.63 -12.18 -10.13
CA VAL A 25 6.22 -10.99 -10.87
C VAL A 25 4.82 -10.56 -10.38
N ILE A 26 4.67 -9.29 -9.99
CA ILE A 26 3.38 -8.70 -9.55
C ILE A 26 3.04 -7.56 -10.50
N ASN A 27 1.81 -7.59 -11.04
CA ASN A 27 1.22 -6.56 -11.92
C ASN A 27 -0.03 -6.03 -11.31
N GLY A 28 -0.32 -4.77 -11.52
CA GLY A 28 -1.54 -4.23 -10.97
C GLY A 28 -1.91 -2.87 -11.49
N ASP A 29 -3.05 -2.38 -11.01
CA ASP A 29 -3.65 -1.10 -11.35
C ASP A 29 -4.09 -0.39 -10.10
N LEU A 30 -3.80 0.91 -10.04
CA LEU A 30 -4.16 1.77 -8.91
C LEU A 30 -5.18 2.81 -9.34
N TYR A 31 -6.29 2.90 -8.57
CA TYR A 31 -7.34 3.91 -8.78
C TYR A 31 -8.28 3.98 -7.58
N LEU A 32 -8.91 5.15 -7.40
CA LEU A 32 -9.92 5.38 -6.36
C LEU A 32 -11.10 6.08 -7.03
N THR A 33 -12.25 6.17 -6.36
CA THR A 33 -13.44 6.80 -6.94
C THR A 33 -13.83 8.06 -6.18
N SER A 34 -14.19 9.12 -6.90
CA SER A 34 -14.66 10.37 -6.30
C SER A 34 -16.02 10.18 -5.63
N ALA A 35 -16.44 11.13 -4.80
CA ALA A 35 -17.74 11.13 -4.13
C ALA A 35 -18.87 11.35 -5.16
N SER A 36 -18.52 11.93 -6.32
CA SER A 36 -19.39 12.20 -7.47
C SER A 36 -19.56 10.93 -8.37
N GLY A 37 -18.70 9.93 -8.14
CA GLY A 37 -18.71 8.69 -8.90
C GLY A 37 -17.61 8.57 -9.94
N ALA A 38 -16.90 9.69 -10.24
CA ALA A 38 -15.81 9.70 -11.23
C ALA A 38 -14.60 8.90 -10.76
N ILE A 39 -14.04 8.07 -11.65
CA ILE A 39 -12.85 7.24 -11.38
C ILE A 39 -11.59 8.12 -11.52
N GLN A 40 -10.66 7.98 -10.59
CA GLN A 40 -9.40 8.72 -10.62
C GLN A 40 -8.23 7.74 -10.59
N LYS A 41 -7.51 7.62 -11.71
CA LYS A 41 -6.33 6.74 -11.83
C LYS A 41 -5.15 7.35 -11.07
N GLY A 42 -4.34 6.51 -10.44
CA GLY A 42 -3.16 6.95 -9.72
C GLY A 42 -1.93 6.93 -10.60
N THR A 43 -1.62 8.06 -11.25
CA THR A 43 -0.50 8.17 -12.17
C THR A 43 0.74 8.70 -11.45
N ASN A 44 1.94 8.16 -11.80
CA ASN A 44 3.25 8.52 -11.22
C ASN A 44 3.20 8.55 -9.67
N THR A 45 2.52 7.56 -9.09
CA THR A 45 2.29 7.38 -7.65
C THR A 45 3.07 6.19 -7.14
N LYS A 46 3.73 6.36 -5.97
CA LYS A 46 4.52 5.32 -5.33
C LYS A 46 3.62 4.25 -4.69
N VAL A 47 3.99 2.98 -4.89
CA VAL A 47 3.30 1.77 -4.37
C VAL A 47 4.34 0.98 -3.56
N ALA A 48 3.98 0.61 -2.33
CA ALA A 48 4.85 -0.15 -1.43
C ALA A 48 4.40 -1.60 -1.31
N LEU A 49 5.37 -2.52 -1.23
CA LEU A 49 5.13 -3.95 -1.06
C LEU A 49 6.06 -4.45 0.06
N GLU A 50 5.49 -4.92 1.17
CA GLU A 50 6.28 -5.36 2.33
C GLU A 50 5.70 -6.61 3.03
N PRO A 51 6.51 -7.36 3.85
CA PRO A 51 5.95 -8.53 4.56
C PRO A 51 4.70 -8.22 5.39
N ALA A 52 3.67 -9.13 5.36
CA ALA A 52 2.43 -8.98 6.12
C ALA A 52 2.62 -9.47 7.56
N THR A 53 3.21 -8.62 8.42
CA THR A 53 3.52 -8.99 9.80
C THR A 53 2.46 -8.47 10.77
N SER A 54 2.49 -8.98 12.02
CA SER A 54 1.56 -8.56 13.07
C SER A 54 1.75 -7.06 13.40
N TYR A 55 2.98 -6.55 13.20
CA TYR A 55 3.42 -5.17 13.37
C TYR A 55 2.68 -4.24 12.37
N MSE A 56 2.77 -4.53 11.05
CA MSE A 56 2.12 -3.73 10.00
C MSE A 56 0.58 -3.95 9.93
O MSE A 56 -0.13 -3.06 9.47
CB MSE A 56 2.79 -3.93 8.64
CG MSE A 56 4.22 -3.35 8.59
SE MSE A 56 4.39 -1.55 9.34
CE MSE A 56 3.59 -0.55 7.86
N LYS A 57 0.07 -5.10 10.43
CA LYS A 57 -1.38 -5.36 10.50
C LYS A 57 -2.02 -4.30 11.39
N ALA A 58 -1.38 -4.01 12.55
CA ALA A 58 -1.80 -3.00 13.53
C ALA A 58 -1.72 -1.59 12.90
N TYR A 59 -0.66 -1.31 12.12
CA TYR A 59 -0.48 -0.01 11.46
C TYR A 59 -1.57 0.21 10.40
N TYR A 60 -1.69 -0.73 9.42
CA TYR A 60 -2.64 -0.65 8.32
C TYR A 60 -4.11 -0.69 8.77
N ALA A 61 -4.42 -1.27 9.94
CA ALA A 61 -5.78 -1.25 10.47
C ALA A 61 -6.22 0.19 10.75
N LYS A 62 -5.32 1.01 11.33
CA LYS A 62 -5.65 2.39 11.66
C LYS A 62 -5.39 3.36 10.47
N PHE A 63 -4.37 3.13 9.59
CA PHE A 63 -4.06 4.11 8.54
C PHE A 63 -4.02 3.59 7.08
N GLY A 64 -4.28 2.31 6.88
CA GLY A 64 -4.16 1.67 5.57
C GLY A 64 -5.26 1.84 4.55
N ASN A 65 -6.50 2.05 5.01
CA ASN A 65 -7.66 2.23 4.11
C ASN A 65 -8.50 3.40 4.64
N LEU A 66 -7.86 4.57 4.73
CA LEU A 66 -8.44 5.76 5.35
C LEU A 66 -8.51 6.92 4.37
N ASP A 67 -9.74 7.47 4.22
CA ASP A 67 -10.01 8.66 3.41
C ASP A 67 -9.36 9.87 4.07
N ALA A 68 -8.75 10.77 3.26
CA ALA A 68 -8.09 11.99 3.73
C ALA A 68 -9.09 12.92 4.47
N ALA A 69 -10.38 12.92 4.04
CA ALA A 69 -11.41 13.75 4.67
C ALA A 69 -11.79 13.23 6.07
N LYS A 70 -11.65 11.91 6.29
CA LYS A 70 -12.01 11.24 7.54
C LYS A 70 -10.83 11.11 8.52
N ARG A 71 -9.69 11.76 8.22
CA ARG A 71 -8.53 11.71 9.12
C ARG A 71 -8.74 12.59 10.35
N ASP A 72 -8.33 12.08 11.53
CA ASP A 72 -8.37 12.85 12.77
C ASP A 72 -7.19 13.84 12.74
N PRO A 73 -7.43 15.18 12.86
CA PRO A 73 -6.30 16.12 12.79
C PRO A 73 -5.34 16.03 13.98
N ASP A 74 -5.84 15.54 15.14
CA ASP A 74 -5.06 15.37 16.37
C ASP A 74 -4.26 14.05 16.37
N VAL A 75 -4.63 13.07 15.50
CA VAL A 75 -3.97 11.75 15.42
C VAL A 75 -3.00 11.73 14.21
N GLN A 76 -1.70 11.56 14.51
CA GLN A 76 -0.65 11.46 13.50
C GLN A 76 -0.09 10.02 13.45
N PRO A 77 0.18 9.42 12.25
CA PRO A 77 0.73 8.06 12.22
C PRO A 77 2.07 7.99 12.95
N PRO A 78 2.31 6.92 13.74
CA PRO A 78 3.58 6.84 14.47
C PRO A 78 4.78 6.57 13.56
N VAL A 79 5.97 6.87 14.10
CA VAL A 79 7.26 6.62 13.44
C VAL A 79 7.53 5.12 13.57
N LEU A 80 7.76 4.46 12.44
CA LEU A 80 7.99 3.03 12.39
C LEU A 80 9.44 2.69 12.71
N ASP A 81 9.67 1.48 13.26
CA ASP A 81 11.02 0.98 13.60
C ASP A 81 11.92 1.07 12.34
N PRO A 82 13.16 1.62 12.47
CA PRO A 82 14.01 1.76 11.28
C PRO A 82 14.41 0.44 10.62
N ARG A 83 14.24 -0.71 11.30
CA ARG A 83 14.57 -2.04 10.77
C ARG A 83 13.58 -2.50 9.69
N ARG A 84 12.38 -1.91 9.66
CA ARG A 84 11.33 -2.29 8.71
C ARG A 84 11.65 -1.85 7.28
N ALA A 85 12.26 -0.66 7.12
CA ALA A 85 12.57 -0.07 5.81
C ALA A 85 13.36 -1.00 4.87
N THR A 86 14.26 -1.83 5.42
CA THR A 86 15.09 -2.73 4.62
C THR A 86 14.28 -3.85 3.92
N TYR A 87 13.04 -4.11 4.38
CA TYR A 87 12.13 -5.13 3.85
C TYR A 87 11.09 -4.58 2.85
N VAL A 88 11.04 -3.24 2.67
CA VAL A 88 10.06 -2.57 1.81
C VAL A 88 10.59 -2.48 0.40
N ARG A 89 9.78 -2.96 -0.56
CA ARG A 89 10.01 -2.87 -2.00
C ARG A 89 9.08 -1.79 -2.55
N GLU A 90 9.48 -1.11 -3.61
CA GLU A 90 8.74 0.03 -4.12
C GLU A 90 8.67 0.08 -5.64
N ALA A 91 7.54 0.53 -6.17
CA ALA A 91 7.30 0.75 -7.60
C ALA A 91 6.52 2.03 -7.79
N THR A 92 6.73 2.72 -8.91
CA THR A 92 5.99 3.93 -9.29
C THR A 92 5.05 3.55 -10.44
N THR A 93 3.77 3.93 -10.35
CA THR A 93 2.79 3.68 -11.41
C THR A 93 3.11 4.53 -12.63
N ASP A 94 2.67 4.10 -13.83
CA ASP A 94 2.91 4.86 -15.06
C ASP A 94 1.76 5.86 -15.31
N GLN A 95 1.68 6.35 -16.55
CA GLN A 95 0.68 7.32 -17.02
C GLN A 95 -0.77 6.73 -17.03
N ASN A 96 -0.91 5.40 -16.84
CA ASN A 96 -2.23 4.73 -16.84
C ASN A 96 -2.54 4.05 -15.52
N GLY A 97 -1.77 4.36 -14.48
CA GLY A 97 -1.96 3.80 -13.14
C GLY A 97 -1.49 2.37 -12.97
N ARG A 98 -0.71 1.85 -13.93
CA ARG A 98 -0.20 0.48 -13.90
C ARG A 98 1.14 0.45 -13.21
N PHE A 99 1.34 -0.55 -12.31
CA PHE A 99 2.59 -0.78 -11.59
C PHE A 99 3.07 -2.22 -11.80
N ASP A 100 4.38 -2.46 -11.61
CA ASP A 100 5.00 -3.77 -11.79
CA ASP A 100 4.95 -3.79 -11.74
C ASP A 100 6.11 -3.96 -10.75
N PHE A 101 6.26 -5.19 -10.23
CA PHE A 101 7.31 -5.60 -9.31
C PHE A 101 7.96 -6.83 -9.87
N ASP A 102 9.28 -6.96 -9.71
CA ASP A 102 10.03 -8.11 -10.21
C ASP A 102 10.83 -8.74 -9.06
N HIS A 103 11.25 -10.02 -9.24
CA HIS A 103 12.03 -10.80 -8.26
C HIS A 103 11.38 -10.81 -6.86
N ILE A 104 10.04 -11.02 -6.81
CA ILE A 104 9.30 -11.06 -5.57
C ILE A 104 9.40 -12.46 -4.92
N PRO A 105 9.90 -12.53 -3.66
CA PRO A 105 9.99 -13.82 -2.97
C PRO A 105 8.63 -14.42 -2.61
N ASN A 106 8.64 -15.73 -2.37
CA ASN A 106 7.50 -16.49 -1.85
C ASN A 106 7.17 -15.91 -0.48
N GLY A 107 5.89 -15.65 -0.23
CA GLY A 107 5.45 -15.08 1.04
C GLY A 107 4.15 -14.33 0.97
N THR A 108 3.78 -13.67 2.10
CA THR A 108 2.53 -12.91 2.21
C THR A 108 2.89 -11.46 2.44
N TYR A 109 2.23 -10.56 1.69
CA TYR A 109 2.55 -9.14 1.69
C TYR A 109 1.37 -8.21 1.82
N TYR A 110 1.67 -6.97 2.22
CA TYR A 110 0.78 -5.82 2.17
C TYR A 110 1.23 -5.03 0.97
N ILE A 111 0.30 -4.71 0.08
CA ILE A 111 0.57 -3.86 -1.10
C ILE A 111 -0.25 -2.58 -0.80
N SER A 112 0.42 -1.43 -0.72
CA SER A 112 -0.18 -0.20 -0.24
C SER A 112 0.24 1.05 -1.01
N SER A 113 -0.69 2.01 -1.15
CA SER A 113 -0.49 3.29 -1.83
C SER A 113 -1.36 4.40 -1.23
N GLU A 114 -1.07 5.66 -1.60
CA GLU A 114 -1.82 6.84 -1.19
C GLU A 114 -2.10 7.69 -2.43
N LEU A 115 -3.39 7.90 -2.72
CA LEU A 115 -3.82 8.66 -3.86
C LEU A 115 -4.86 9.69 -3.42
N THR A 116 -4.49 10.98 -3.51
CA THR A 116 -5.34 12.10 -3.16
C THR A 116 -5.36 13.11 -4.33
N TRP A 117 -6.46 13.86 -4.44
CA TRP A 117 -6.65 14.88 -5.46
C TRP A 117 -7.64 15.93 -4.92
N SER A 118 -7.83 17.01 -5.67
CA SER A 118 -8.70 18.12 -5.30
C SER A 118 -9.96 18.18 -6.14
N ALA A 119 -11.06 18.49 -5.46
CA ALA A 119 -12.39 18.65 -6.04
C ALA A 119 -12.97 19.99 -5.61
N GLN A 120 -13.96 20.48 -6.35
CA GLN A 120 -14.68 21.73 -6.05
C GLN A 120 -16.11 21.39 -5.70
N SER A 121 -16.77 22.22 -4.87
CA SER A 121 -18.16 21.94 -4.52
C SER A 121 -19.00 23.22 -4.51
N ASP A 122 -19.04 23.95 -3.38
CA ASP A 122 -19.79 25.21 -3.32
C ASP A 122 -18.76 26.37 -3.32
N GLY A 123 -17.87 26.34 -4.31
CA GLY A 123 -16.78 27.30 -4.45
C GLY A 123 -15.63 27.00 -3.52
N LYS A 124 -15.73 25.91 -2.73
CA LYS A 124 -14.73 25.46 -1.76
C LYS A 124 -13.97 24.25 -2.30
N THR A 125 -12.68 24.13 -1.93
CA THR A 125 -11.81 23.03 -2.34
C THR A 125 -11.89 21.89 -1.32
N ILE A 126 -12.17 20.68 -1.81
CA ILE A 126 -12.32 19.44 -1.06
C ILE A 126 -11.13 18.55 -1.39
N THR A 127 -10.60 17.82 -0.41
CA THR A 127 -9.52 16.83 -0.66
C THR A 127 -10.20 15.47 -0.72
N GLU A 128 -10.00 14.75 -1.82
CA GLU A 128 -10.62 13.45 -2.07
C GLU A 128 -9.56 12.34 -2.05
N GLY A 129 -10.01 11.10 -1.92
CA GLY A 129 -9.13 9.94 -1.88
C GLY A 129 -8.51 9.70 -0.51
N GLY A 130 -7.43 8.94 -0.51
CA GLY A 130 -6.71 8.58 0.70
C GLY A 130 -5.84 7.35 0.49
N THR A 131 -5.68 6.55 1.56
CA THR A 131 -4.85 5.34 1.52
C THR A 131 -5.67 4.13 1.13
N VAL A 132 -5.03 3.17 0.45
CA VAL A 132 -5.62 1.90 0.03
C VAL A 132 -4.53 0.81 0.22
N THR A 133 -4.89 -0.28 0.94
CA THR A 133 -4.00 -1.38 1.29
C THR A 133 -4.72 -2.72 1.14
N LYS A 134 -4.07 -3.68 0.45
CA LYS A 134 -4.58 -5.04 0.24
C LYS A 134 -3.51 -6.08 0.60
N LEU A 135 -3.95 -7.33 0.82
CA LEU A 135 -3.07 -8.48 1.04
C LEU A 135 -2.78 -9.19 -0.28
N VAL A 136 -1.51 -9.58 -0.54
CA VAL A 136 -1.17 -10.39 -1.75
C VAL A 136 -0.28 -11.57 -1.30
N THR A 137 -0.63 -12.79 -1.72
CA THR A 137 0.09 -14.03 -1.43
C THR A 137 0.89 -14.46 -2.68
N VAL A 138 2.14 -14.90 -2.46
CA VAL A 138 3.00 -15.32 -3.56
C VAL A 138 3.56 -16.70 -3.23
N SER A 139 3.27 -17.71 -4.07
CA SER A 139 3.72 -19.10 -3.92
C SER A 139 4.70 -19.45 -5.03
N GLY A 140 4.18 -19.51 -6.26
CA GLY A 140 4.98 -19.69 -7.47
C GLY A 140 5.39 -18.31 -7.98
N SER A 141 5.88 -18.25 -9.21
CA SER A 141 6.40 -17.02 -9.80
C SER A 141 5.33 -16.16 -10.46
N GLN A 142 4.12 -16.71 -10.67
CA GLN A 142 3.07 -15.96 -11.36
C GLN A 142 1.78 -15.76 -10.51
N PRO A 143 1.77 -14.92 -9.44
CA PRO A 143 0.49 -14.65 -8.74
C PRO A 143 -0.48 -13.87 -9.63
N GLN A 144 -1.76 -13.80 -9.24
CA GLN A 144 -2.77 -13.02 -9.97
C GLN A 144 -2.48 -11.51 -9.90
N LYS A 145 -3.06 -10.72 -10.83
CA LYS A 145 -2.95 -9.26 -10.82
C LYS A 145 -3.56 -8.69 -9.54
N VAL A 146 -3.07 -7.52 -9.12
CA VAL A 146 -3.63 -6.83 -7.95
C VAL A 146 -4.42 -5.61 -8.43
N LEU A 147 -5.69 -5.54 -8.10
CA LEU A 147 -6.50 -4.37 -8.40
C LEU A 147 -6.50 -3.54 -7.08
N LEU A 148 -5.56 -2.57 -7.01
CA LEU A 148 -5.37 -1.75 -5.81
C LEU A 148 -6.40 -0.63 -5.78
N THR A 149 -7.62 -0.96 -5.32
CA THR A 149 -8.76 -0.05 -5.23
C THR A 149 -9.68 -0.39 -4.04
N ARG A 150 -10.60 0.54 -3.69
CA ARG A 150 -11.65 0.37 -2.66
C ARG A 150 -12.79 1.41 -2.89
S SO4 B . 0.80 -20.64 -7.69
O1 SO4 B . 1.00 -21.03 -9.06
O2 SO4 B . -0.62 -20.40 -7.46
O3 SO4 B . 1.27 -21.72 -6.81
O4 SO4 B . 1.56 -19.42 -7.42
C1 GOL C . -0.56 -18.48 -13.09
O1 GOL C . -1.26 -17.50 -12.29
C2 GOL C . -0.27 -19.81 -12.37
O2 GOL C . 0.12 -20.75 -13.37
C3 GOL C . -1.52 -20.33 -11.65
O3 GOL C . -1.31 -21.16 -10.51
C1 GOL D . -12.53 8.83 -2.58
O1 GOL D . -13.38 9.86 -1.92
C2 GOL D . -12.61 7.32 -2.10
O2 GOL D . -11.63 7.25 -1.08
C3 GOL D . -12.02 6.28 -3.11
O3 GOL D . -12.78 5.12 -3.55
C1 PEG E . 7.48 -0.09 -11.88
O1 PEG E . 6.06 0.34 -12.14
C2 PEG E . 8.67 0.92 -11.89
O2 PEG E . 8.88 1.68 -10.66
C3 PEG E . 10.27 2.02 -10.37
C4 PEG E . 10.62 2.11 -8.87
O4 PEG E . 10.02 3.26 -8.08
C1 PEG F . -0.42 10.85 -5.84
O1 PEG F . -0.69 10.89 -7.24
C2 PEG F . -1.40 11.61 -4.97
O2 PEG F . -1.27 11.23 -3.60
C3 PEG F . -0.64 12.20 -2.71
C4 PEG F . 0.23 11.53 -1.64
O4 PEG F . 1.12 10.51 -2.15
C1 PGE G . -2.22 -13.97 5.98
O1 PGE G . -1.54 -15.25 5.95
C2 PGE G . -1.73 -13.14 7.12
O2 PGE G . -2.31 -11.81 7.12
C3 PGE G . -2.36 -11.05 8.34
C4 PGE G . -1.03 -10.41 8.72
O4 PGE G . -1.23 -11.88 12.59
C6 PGE G . 0.06 -12.00 11.93
C5 PGE G . 0.03 -11.83 10.44
O3 PGE G . -0.73 -10.65 10.09
#